data_6GHP
#
_entry.id   6GHP
#
_cell.length_a   82.453
_cell.length_b   111.473
_cell.length_c   63.675
_cell.angle_alpha   90.000
_cell.angle_beta   90.000
_cell.angle_gamma   90.000
#
_symmetry.space_group_name_H-M   'C 2 2 21'
#
loop_
_entity.id
_entity.type
_entity.pdbx_description
1 polymer '14-3-3 protein sigma'
2 polymer 'Potassium channel subfamily K member 9'
3 non-polymer ~{N}-[(2~{S})-2-[(1~{E},3~{R},4~{S},8~{R},9~{R},10~{R},11~{S},14~{S})-14-(methoxymethyl)-3,10-dimethyl-8-[(2~{S},3~{R},4~{S},5~{S},6~{R})-6-(2-methylbut-3-en-2-yloxymethyl)-3,4,5-tris(oxidanyl)oxan-2-yl]oxy-4,9-bis(oxidanyl)-6-tricyclo[9.3.0.0^{3,7}]tetradeca-1,6-dienyl]propyl]ethanamide
4 non-polymer 'CHLORIDE ION'
5 non-polymer 'SODIUM ION'
6 water water
#
loop_
_entity_poly.entity_id
_entity_poly.type
_entity_poly.pdbx_seq_one_letter_code
_entity_poly.pdbx_strand_id
1 'polypeptide(L)'
;GAMGSMERASLIQKAKLAEQAERYEDMAAFMKGAVEKGEELS(CSO)EERNLLSVAYKNVVGGQRAAWRVLSSIEQKSNE
EGSEEKGPEVREYREKVETELQGVCDTVLGLLDSHLIKEAGDAESRVFYLKMKGDYYRYLAEVATGDDKKRIIDSARSAY
QEAMDISKKEMPPTNPIRLGLALNFSVFHYEIANSPEEAISLAKTTFDEAMADLHTLSEDSYKDSTLIMQLLRDNLTLWT
;
A
2 'polypeptide(L)' (ACE)KRRK(SEP)V P
#
loop_
_chem_comp.id
_chem_comp.type
_chem_comp.name
_chem_comp.formula
ACE non-polymer 'ACETYL GROUP' 'C2 H4 O'
CL non-polymer 'CHLORIDE ION' 'Cl -1'
EZ5 non-polymer ~{N}-[(2~{S})-2-[(1~{E},3~{R},4~{S},8~{R},9~{R},10~{R},11~{S},14~{S})-14-(methoxymethyl)-3,10-dimethyl-8-[(2~{S},3~{R},4~{S},5~{S},6~{R})-6-(2-methylbut-3-en-2-yloxymethyl)-3,4,5-tris(oxidanyl)oxan-2-yl]oxy-4,9-bis(oxidanyl)-6-tricyclo[9.3.0.0^{3,7}]tetradeca-1,6-dienyl]propyl]ethanamide 'C34 H55 N O10'
NA non-polymer 'SODIUM ION' 'Na 1'
#
# COMPACT_ATOMS: atom_id res chain seq x y z
N GLY A 1 -14.69 -13.91 -14.49
CA GLY A 1 -13.58 -13.26 -15.23
C GLY A 1 -12.71 -14.26 -15.97
N ALA A 2 -11.58 -13.79 -16.49
CA ALA A 2 -10.70 -14.66 -17.27
C ALA A 2 -10.12 -15.80 -16.46
N MET A 3 -10.06 -15.65 -15.13
CA MET A 3 -9.50 -16.67 -14.26
C MET A 3 -10.56 -17.59 -13.67
N GLY A 4 -11.82 -17.45 -14.10
CA GLY A 4 -12.89 -18.20 -13.48
C GLY A 4 -12.77 -19.70 -13.63
N SER A 5 -12.13 -20.16 -14.71
CA SER A 5 -12.03 -21.58 -14.99
C SER A 5 -10.84 -22.25 -14.32
N MET A 6 -9.95 -21.49 -13.68
CA MET A 6 -8.74 -22.06 -13.10
C MET A 6 -8.93 -22.32 -11.60
N GLU A 7 -8.41 -23.45 -11.14
CA GLU A 7 -8.46 -23.80 -9.72
C GLU A 7 -7.81 -22.72 -8.88
N ARG A 8 -8.36 -22.51 -7.68
CA ARG A 8 -7.78 -21.56 -6.74
C ARG A 8 -6.32 -21.90 -6.44
N ALA A 9 -6.04 -23.17 -6.15
CA ALA A 9 -4.68 -23.58 -5.84
C ALA A 9 -3.74 -23.30 -7.01
N SER A 10 -4.23 -23.48 -8.23
CA SER A 10 -3.40 -23.22 -9.41
C SER A 10 -3.14 -21.74 -9.59
N LEU A 11 -4.12 -20.89 -9.26
CA LEU A 11 -3.90 -19.45 -9.32
C LEU A 11 -2.84 -19.03 -8.33
N ILE A 12 -2.90 -19.54 -7.10
CA ILE A 12 -1.89 -19.22 -6.10
C ILE A 12 -0.53 -19.68 -6.58
N GLN A 13 -0.46 -20.88 -7.14
CA GLN A 13 0.81 -21.43 -7.61
C GLN A 13 1.41 -20.55 -8.70
N LYS A 14 0.59 -20.13 -9.66
CA LYS A 14 1.09 -19.29 -10.75
C LYS A 14 1.41 -17.89 -10.29
N ALA A 15 0.77 -17.40 -9.23
CA ALA A 15 1.15 -16.11 -8.68
C ALA A 15 2.56 -16.15 -8.12
N LYS A 16 2.94 -17.25 -7.48
CA LYS A 16 4.30 -17.40 -6.99
C LYS A 16 5.29 -17.54 -8.14
N LEU A 17 4.91 -18.27 -9.19
CA LEU A 17 5.75 -18.35 -10.38
C LEU A 17 5.95 -16.98 -11.00
N ALA A 18 4.86 -16.23 -11.16
CA ALA A 18 4.94 -14.89 -11.73
C ALA A 18 5.83 -13.99 -10.89
N GLU A 19 5.77 -14.14 -9.56
CA GLU A 19 6.64 -13.34 -8.70
C GLU A 19 8.11 -13.66 -8.97
N GLN A 20 8.45 -14.94 -9.06
CA GLN A 20 9.82 -15.32 -9.38
C GLN A 20 10.26 -14.78 -10.73
N ALA A 21 9.34 -14.71 -11.69
CA ALA A 21 9.64 -14.19 -13.01
C ALA A 21 9.50 -12.67 -13.11
N GLU A 22 9.15 -12.00 -12.01
CA GLU A 22 8.95 -10.56 -12.01
C GLU A 22 7.88 -10.15 -13.02
N ARG A 23 6.88 -10.99 -13.19
CA ARG A 23 5.72 -10.70 -14.05
C ARG A 23 4.59 -10.25 -13.15
N TYR A 24 4.64 -9.00 -12.73
CA TYR A 24 3.75 -8.55 -11.65
C TYR A 24 2.32 -8.34 -12.14
N GLU A 25 2.12 -7.96 -13.40
CA GLU A 25 0.77 -7.83 -13.94
CA GLU A 25 0.77 -7.84 -13.92
C GLU A 25 0.07 -9.20 -13.94
N ASP A 26 0.77 -10.22 -14.45
CA ASP A 26 0.24 -11.58 -14.36
C ASP A 26 -0.02 -11.97 -12.90
N MET A 27 0.96 -11.70 -12.03
CA MET A 27 0.82 -12.02 -10.62
C MET A 27 -0.45 -11.42 -10.04
N ALA A 28 -0.69 -10.15 -10.33
CA ALA A 28 -1.89 -9.48 -9.82
C ALA A 28 -3.15 -10.09 -10.39
N ALA A 29 -3.16 -10.42 -11.67
CA ALA A 29 -4.34 -11.04 -12.28
C ALA A 29 -4.63 -12.39 -11.63
N PHE A 30 -3.59 -13.18 -11.37
CA PHE A 30 -3.78 -14.48 -10.73
C PHE A 30 -4.36 -14.31 -9.33
N MET A 31 -3.82 -13.36 -8.56
CA MET A 31 -4.30 -13.18 -7.19
C MET A 31 -5.71 -12.60 -7.18
N LYS A 32 -6.02 -11.69 -8.11
CA LYS A 32 -7.40 -11.25 -8.26
C LYS A 32 -8.31 -12.45 -8.51
N GLY A 33 -7.91 -13.34 -9.42
CA GLY A 33 -8.70 -14.53 -9.67
C GLY A 33 -8.89 -15.36 -8.42
N ALA A 34 -7.86 -15.45 -7.57
CA ALA A 34 -7.97 -16.20 -6.33
C ALA A 34 -8.96 -15.53 -5.38
N VAL A 35 -8.88 -14.20 -5.25
CA VAL A 35 -9.83 -13.48 -4.40
C VAL A 35 -11.25 -13.74 -4.89
N GLU A 36 -11.44 -13.79 -6.21
N GLU A 36 -11.45 -13.78 -6.21
CA GLU A 36 -12.77 -13.97 -6.79
CA GLU A 36 -12.78 -13.96 -6.77
C GLU A 36 -13.36 -15.34 -6.46
C GLU A 36 -13.37 -15.34 -6.47
N LYS A 37 -12.56 -16.29 -5.98
CA LYS A 37 -13.10 -17.59 -5.60
C LYS A 37 -13.97 -17.52 -4.35
N GLY A 38 -13.92 -16.41 -3.61
CA GLY A 38 -14.84 -16.18 -2.52
C GLY A 38 -14.34 -16.58 -1.15
N GLU A 39 -13.18 -17.21 -1.06
CA GLU A 39 -12.63 -17.63 0.23
C GLU A 39 -11.62 -16.60 0.73
N GLU A 40 -11.47 -16.55 2.05
CA GLU A 40 -10.53 -15.61 2.65
C GLU A 40 -9.09 -16.00 2.33
N LEU A 41 -8.22 -15.01 2.27
CA LEU A 41 -6.81 -15.23 1.97
C LEU A 41 -6.04 -15.54 3.25
N SER A 42 -5.10 -16.47 3.13
CA SER A 42 -4.18 -16.78 4.22
C SER A 42 -3.16 -15.66 4.36
N CSO A 43 -2.31 -15.73 5.39
CA CSO A 43 -1.31 -14.71 5.62
CB CSO A 43 -0.46 -15.04 6.86
SG CSO A 43 1.05 -14.03 6.88
C CSO A 43 -0.41 -14.58 4.38
O CSO A 43 -0.18 -13.48 3.88
OD CSO A 43 2.51 -15.02 6.67
H CSO A 43 -2.30 -16.37 5.96
HA CSO A 43 -1.75 -13.84 5.79
HB2 CSO A 43 -0.21 -15.97 6.84
HB3 CSO A 43 -0.97 -14.84 7.65
HD CSO A 43 3.29 -14.45 6.56
N GLU A 44 0.06 -15.72 3.88
CA GLU A 44 0.97 -15.73 2.73
C GLU A 44 0.27 -15.21 1.48
N GLU A 45 -1.00 -15.58 1.32
CA GLU A 45 -1.75 -15.17 0.14
C GLU A 45 -2.01 -13.67 0.15
N ARG A 46 -2.24 -13.07 1.32
CA ARG A 46 -2.37 -11.63 1.41
C ARG A 46 -1.08 -10.94 0.97
N ASN A 47 0.07 -11.51 1.35
CA ASN A 47 1.34 -10.92 0.93
C ASN A 47 1.48 -10.96 -0.58
N LEU A 48 1.10 -12.08 -1.21
CA LEU A 48 1.17 -12.19 -2.66
C LEU A 48 0.31 -11.12 -3.32
N LEU A 49 -0.92 -10.94 -2.83
CA LEU A 49 -1.81 -9.94 -3.39
C LEU A 49 -1.20 -8.54 -3.29
N SER A 50 -0.72 -8.17 -2.09
CA SER A 50 -0.21 -6.82 -1.89
CA SER A 50 -0.21 -6.82 -1.89
C SER A 50 1.03 -6.56 -2.73
N VAL A 51 1.96 -7.54 -2.77
CA VAL A 51 3.19 -7.36 -3.53
C VAL A 51 2.90 -7.17 -5.01
N ALA A 52 1.92 -7.92 -5.53
CA ALA A 52 1.63 -7.86 -6.95
C ALA A 52 1.17 -6.47 -7.36
N TYR A 53 0.14 -5.96 -6.69
CA TYR A 53 -0.39 -4.65 -7.06
C TYR A 53 0.55 -3.52 -6.65
N LYS A 54 1.30 -3.70 -5.56
CA LYS A 54 2.29 -2.69 -5.17
C LYS A 54 3.30 -2.46 -6.28
N ASN A 55 3.75 -3.54 -6.93
CA ASN A 55 4.72 -3.40 -8.00
C ASN A 55 4.10 -2.87 -9.27
N VAL A 56 2.87 -3.30 -9.59
CA VAL A 56 2.18 -2.78 -10.77
C VAL A 56 2.04 -1.27 -10.67
N VAL A 57 1.41 -0.80 -9.60
N VAL A 57 1.41 -0.80 -9.60
CA VAL A 57 1.18 0.64 -9.45
CA VAL A 57 1.18 0.64 -9.45
C VAL A 57 2.51 1.35 -9.23
C VAL A 57 2.50 1.36 -9.21
N GLY A 58 3.47 0.70 -8.58
CA GLY A 58 4.77 1.33 -8.39
C GLY A 58 5.40 1.77 -9.70
N GLY A 59 5.35 0.90 -10.71
CA GLY A 59 5.88 1.27 -12.01
C GLY A 59 5.07 2.37 -12.67
N GLN A 60 3.75 2.33 -12.53
CA GLN A 60 2.92 3.37 -13.11
C GLN A 60 3.16 4.72 -12.44
N ARG A 61 3.28 4.72 -11.11
CA ARG A 61 3.53 5.96 -10.39
C ARG A 61 4.85 6.57 -10.80
N ALA A 62 5.90 5.73 -10.88
CA ALA A 62 7.21 6.22 -11.28
C ALA A 62 7.17 6.83 -12.67
N ALA A 63 6.47 6.18 -13.59
CA ALA A 63 6.32 6.74 -14.93
C ALA A 63 5.52 8.03 -14.89
N TRP A 64 4.44 8.06 -14.11
CA TRP A 64 3.65 9.28 -13.99
C TRP A 64 4.49 10.44 -13.49
N ARG A 65 5.36 10.19 -12.52
CA ARG A 65 6.17 11.28 -11.97
C ARG A 65 7.13 11.82 -13.02
N VAL A 66 7.74 10.94 -13.82
CA VAL A 66 8.62 11.40 -14.90
C VAL A 66 7.85 12.31 -15.85
N LEU A 67 6.66 11.88 -16.26
CA LEU A 67 5.89 12.64 -17.25
C LEU A 67 5.37 13.94 -16.66
N SER A 68 4.89 13.89 -15.41
CA SER A 68 4.42 15.11 -14.77
C SER A 68 5.54 16.15 -14.63
N SER A 69 6.74 15.70 -14.28
N SER A 69 6.74 15.69 -14.27
CA SER A 69 7.88 16.60 -14.18
CA SER A 69 7.87 16.61 -14.18
C SER A 69 8.15 17.26 -15.53
C SER A 69 8.14 17.26 -15.54
N ILE A 70 8.15 16.46 -16.60
CA ILE A 70 8.34 17.02 -17.94
C ILE A 70 7.23 18.01 -18.25
N GLU A 71 5.99 17.66 -17.89
CA GLU A 71 4.86 18.54 -18.17
C GLU A 71 5.02 19.87 -17.45
N GLN A 72 5.44 19.85 -16.19
CA GLN A 72 5.61 21.09 -15.44
C GLN A 72 6.78 21.91 -16.00
N LYS A 73 7.84 21.25 -16.46
CA LYS A 73 8.94 21.97 -17.09
C LYS A 73 8.45 22.77 -18.29
N SER A 74 7.62 22.15 -19.13
CA SER A 74 7.05 22.85 -20.28
C SER A 74 6.00 23.87 -19.88
N ASN A 75 5.65 23.95 -18.60
CA ASN A 75 4.65 24.90 -18.12
C ASN A 75 3.33 24.71 -18.88
N GLY A 83 2.93 21.77 -27.63
CA GLY A 83 1.91 20.85 -28.11
C GLY A 83 1.21 20.12 -26.98
N PRO A 84 0.16 19.37 -27.31
CA PRO A 84 -0.61 18.64 -26.29
C PRO A 84 -0.09 17.25 -25.95
N GLU A 85 1.02 16.83 -26.56
CA GLU A 85 1.44 15.44 -26.45
C GLU A 85 1.80 15.06 -25.02
N VAL A 86 2.57 15.92 -24.33
CA VAL A 86 3.01 15.60 -22.98
C VAL A 86 1.81 15.40 -22.06
N ARG A 87 0.88 16.35 -22.08
CA ARG A 87 -0.33 16.22 -21.27
C ARG A 87 -1.12 14.98 -21.66
N GLU A 88 -1.26 14.73 -22.96
CA GLU A 88 -2.02 13.57 -23.43
C GLU A 88 -1.44 12.28 -22.89
N TYR A 89 -0.11 12.13 -22.98
CA TYR A 89 0.49 10.86 -22.55
C TYR A 89 0.46 10.74 -21.03
N ARG A 90 0.68 11.85 -20.31
CA ARG A 90 0.59 11.82 -18.86
C ARG A 90 -0.81 11.41 -18.41
N GLU A 91 -1.85 11.98 -19.06
N GLU A 91 -1.85 11.96 -19.06
CA GLU A 91 -3.22 11.60 -18.75
CA GLU A 91 -3.21 11.57 -18.68
C GLU A 91 -3.48 10.13 -19.06
C GLU A 91 -3.53 10.14 -19.10
N LYS A 92 -2.83 9.61 -20.11
CA LYS A 92 -3.00 8.19 -20.46
C LYS A 92 -2.44 7.28 -19.37
N VAL A 93 -1.21 7.55 -18.93
CA VAL A 93 -0.64 6.78 -17.83
C VAL A 93 -1.44 6.97 -16.57
N GLU A 94 -1.92 8.20 -16.34
CA GLU A 94 -2.71 8.50 -15.15
C GLU A 94 -4.00 7.70 -15.13
N THR A 95 -4.70 7.65 -16.26
CA THR A 95 -5.95 6.89 -16.33
C THR A 95 -5.71 5.41 -16.05
N GLU A 96 -4.63 4.86 -16.61
CA GLU A 96 -4.30 3.45 -16.35
CA GLU A 96 -4.31 3.45 -16.36
C GLU A 96 -3.99 3.23 -14.88
N LEU A 97 -3.22 4.14 -14.28
CA LEU A 97 -2.91 4.03 -12.86
C LEU A 97 -4.18 4.04 -12.02
N GLN A 98 -5.08 5.00 -12.29
CA GLN A 98 -6.33 5.09 -11.55
C GLN A 98 -7.15 3.81 -11.70
N GLY A 99 -7.12 3.21 -12.90
CA GLY A 99 -7.88 1.98 -13.11
C GLY A 99 -7.39 0.84 -12.24
N VAL A 100 -6.08 0.70 -12.08
CA VAL A 100 -5.54 -0.33 -11.21
C VAL A 100 -5.92 -0.05 -9.77
N CYS A 101 -5.80 1.20 -9.33
CA CYS A 101 -6.21 1.55 -7.97
C CYS A 101 -7.68 1.21 -7.75
N ASP A 102 -8.54 1.51 -8.72
CA ASP A 102 -9.96 1.20 -8.59
C ASP A 102 -10.17 -0.30 -8.51
N THR A 103 -9.40 -1.07 -9.28
CA THR A 103 -9.52 -2.52 -9.23
C THR A 103 -9.18 -3.05 -7.84
N VAL A 104 -8.09 -2.56 -7.24
CA VAL A 104 -7.70 -3.03 -5.92
C VAL A 104 -8.71 -2.59 -4.88
N LEU A 105 -9.13 -1.33 -4.93
CA LEU A 105 -10.12 -0.85 -3.97
C LEU A 105 -11.42 -1.64 -4.09
N GLY A 106 -11.81 -2.01 -5.31
CA GLY A 106 -12.99 -2.83 -5.49
C GLY A 106 -12.86 -4.20 -4.84
N LEU A 107 -11.70 -4.83 -4.99
CA LEU A 107 -11.47 -6.12 -4.35
C LEU A 107 -11.57 -6.00 -2.83
N LEU A 108 -10.93 -4.98 -2.27
CA LEU A 108 -10.95 -4.79 -0.82
C LEU A 108 -12.38 -4.61 -0.32
N ASP A 109 -13.14 -3.72 -0.98
N ASP A 109 -13.14 -3.73 -0.96
CA ASP A 109 -14.47 -3.38 -0.49
CA ASP A 109 -14.46 -3.39 -0.46
C ASP A 109 -15.46 -4.52 -0.73
C ASP A 109 -15.48 -4.49 -0.75
N SER A 110 -15.34 -5.21 -1.86
CA SER A 110 -16.31 -6.22 -2.23
C SER A 110 -16.01 -7.59 -1.62
N HIS A 111 -14.75 -7.89 -1.30
CA HIS A 111 -14.39 -9.24 -0.92
C HIS A 111 -13.66 -9.34 0.41
N LEU A 112 -12.65 -8.48 0.61
CA LEU A 112 -11.66 -8.73 1.66
C LEU A 112 -11.97 -8.01 2.97
N ILE A 113 -12.39 -6.76 2.93
CA ILE A 113 -12.67 -6.02 4.16
C ILE A 113 -14.01 -6.46 4.72
N LYS A 114 -14.01 -6.91 5.96
CA LYS A 114 -15.24 -7.37 6.61
C LYS A 114 -15.33 -6.82 8.04
N GLY A 117 -13.36 -10.21 11.99
CA GLY A 117 -12.23 -11.03 11.57
C GLY A 117 -10.98 -10.74 12.37
N ASP A 118 -9.95 -11.55 12.16
CA ASP A 118 -8.68 -11.36 12.85
C ASP A 118 -8.15 -9.96 12.60
N ALA A 119 -7.62 -9.34 13.65
CA ALA A 119 -7.10 -7.98 13.53
C ALA A 119 -5.97 -7.90 12.52
N GLU A 120 -5.17 -8.96 12.38
CA GLU A 120 -4.05 -8.93 11.46
C GLU A 120 -4.53 -8.74 10.02
N SER A 121 -5.60 -9.42 9.63
CA SER A 121 -6.10 -9.30 8.27
C SER A 121 -6.85 -7.98 8.07
N ARG A 122 -7.63 -7.55 9.06
N ARG A 122 -7.64 -7.56 9.05
CA ARG A 122 -8.37 -6.29 8.92
CA ARG A 122 -8.36 -6.29 8.93
C ARG A 122 -7.42 -5.11 8.77
C ARG A 122 -7.41 -5.12 8.77
N VAL A 123 -6.37 -5.06 9.61
CA VAL A 123 -5.42 -3.97 9.51
C VAL A 123 -4.70 -4.04 8.17
N PHE A 124 -4.32 -5.24 7.74
CA PHE A 124 -3.66 -5.42 6.46
C PHE A 124 -4.47 -4.80 5.33
N TYR A 125 -5.75 -5.16 5.23
CA TYR A 125 -6.57 -4.68 4.13
C TYR A 125 -6.90 -3.20 4.27
N LEU A 126 -7.06 -2.70 5.50
CA LEU A 126 -7.33 -1.28 5.68
C LEU A 126 -6.11 -0.44 5.31
N LYS A 127 -4.91 -0.93 5.61
CA LYS A 127 -3.70 -0.25 5.12
C LYS A 127 -3.70 -0.17 3.60
N MET A 128 -4.00 -1.29 2.93
CA MET A 128 -4.06 -1.29 1.48
C MET A 128 -5.05 -0.26 0.97
N LYS A 129 -6.24 -0.20 1.60
CA LYS A 129 -7.25 0.76 1.18
C LYS A 129 -6.71 2.18 1.27
N GLY A 130 -6.06 2.52 2.37
CA GLY A 130 -5.46 3.83 2.50
C GLY A 130 -4.36 4.06 1.47
N ASP A 131 -3.55 3.04 1.21
CA ASP A 131 -2.44 3.18 0.26
C ASP A 131 -2.96 3.53 -1.13
N TYR A 132 -3.99 2.82 -1.59
CA TYR A 132 -4.44 3.00 -2.97
C TYR A 132 -5.34 4.22 -3.12
N TYR A 133 -6.00 4.68 -2.06
CA TYR A 133 -6.59 6.01 -2.10
C TYR A 133 -5.50 7.08 -2.08
N ARG A 134 -4.40 6.82 -1.38
CA ARG A 134 -3.28 7.77 -1.37
C ARG A 134 -2.68 7.91 -2.76
N TYR A 135 -2.53 6.80 -3.48
CA TYR A 135 -2.01 6.87 -4.85
C TYR A 135 -2.96 7.64 -5.75
N LEU A 136 -4.27 7.46 -5.56
CA LEU A 136 -5.24 8.29 -6.27
C LEU A 136 -5.05 9.76 -5.90
N ALA A 137 -4.75 10.05 -4.63
CA ALA A 137 -4.56 11.43 -4.21
C ALA A 137 -3.30 12.03 -4.81
N GLU A 138 -2.28 11.20 -5.07
CA GLU A 138 -1.04 11.71 -5.65
C GLU A 138 -1.26 12.37 -6.99
N VAL A 139 -2.27 11.91 -7.74
CA VAL A 139 -2.54 12.43 -9.08
C VAL A 139 -3.83 13.25 -9.14
N ALA A 140 -4.58 13.33 -8.04
CA ALA A 140 -5.84 14.04 -8.06
C ALA A 140 -5.60 15.55 -8.09
N THR A 141 -6.41 16.25 -8.90
CA THR A 141 -6.35 17.70 -8.98
C THR A 141 -7.75 18.29 -9.00
N LYS A 145 -10.47 15.64 -5.18
CA LYS A 145 -9.21 15.37 -4.48
C LYS A 145 -9.43 15.33 -2.97
N LYS A 146 -10.29 16.21 -2.47
CA LYS A 146 -10.56 16.23 -1.03
C LYS A 146 -11.29 14.97 -0.59
N ARG A 147 -12.26 14.50 -1.39
CA ARG A 147 -12.93 13.25 -1.08
C ARG A 147 -11.93 12.10 -1.02
N ILE A 148 -11.03 12.03 -1.99
CA ILE A 148 -10.04 10.95 -2.03
C ILE A 148 -9.16 10.98 -0.80
N ILE A 149 -8.67 12.17 -0.43
CA ILE A 149 -7.81 12.30 0.73
C ILE A 149 -8.54 11.87 2.00
N ASP A 150 -9.82 12.23 2.09
CA ASP A 150 -10.61 11.86 3.26
C ASP A 150 -10.80 10.35 3.34
N SER A 151 -11.01 9.70 2.20
CA SER A 151 -11.15 8.24 2.19
C SER A 151 -9.85 7.56 2.61
N ALA A 152 -8.70 8.08 2.17
CA ALA A 152 -7.43 7.52 2.60
C ALA A 152 -7.25 7.71 4.11
N ARG A 153 -7.59 8.89 4.63
N ARG A 153 -7.57 8.90 4.62
CA ARG A 153 -7.43 9.15 6.05
CA ARG A 153 -7.43 9.16 6.05
C ARG A 153 -8.29 8.21 6.89
C ARG A 153 -8.29 8.21 6.87
N SER A 154 -9.55 8.04 6.50
N SER A 154 -9.55 8.03 6.46
CA SER A 154 -10.44 7.14 7.25
CA SER A 154 -10.47 7.15 7.19
C SER A 154 -9.86 5.74 7.34
C SER A 154 -9.90 5.76 7.32
N ALA A 155 -9.47 5.18 6.20
CA ALA A 155 -8.94 3.82 6.20
C ALA A 155 -7.72 3.72 7.11
N TYR A 156 -6.73 4.61 6.89
CA TYR A 156 -5.55 4.61 7.75
C TYR A 156 -5.94 4.73 9.21
N GLN A 157 -6.87 5.64 9.52
CA GLN A 157 -7.21 5.89 10.92
C GLN A 157 -7.85 4.67 11.56
N GLU A 158 -8.79 4.03 10.86
CA GLU A 158 -9.40 2.82 11.40
C GLU A 158 -8.35 1.73 11.60
N ALA A 159 -7.44 1.57 10.63
CA ALA A 159 -6.37 0.60 10.77
C ALA A 159 -5.49 0.92 11.98
N MET A 160 -5.22 2.21 12.20
CA MET A 160 -4.41 2.61 13.35
C MET A 160 -5.08 2.24 14.66
N ASP A 161 -6.38 2.49 14.77
CA ASP A 161 -7.11 2.18 16.00
C ASP A 161 -7.05 0.68 16.29
N ILE A 162 -7.31 -0.15 15.28
CA ILE A 162 -7.29 -1.59 15.49
C ILE A 162 -5.89 -2.05 15.90
N SER A 163 -4.87 -1.62 15.14
CA SER A 163 -3.51 -2.10 15.39
C SER A 163 -3.03 -1.68 16.78
N LYS A 164 -3.42 -0.49 17.23
CA LYS A 164 -3.05 -0.06 18.57
C LYS A 164 -3.67 -0.96 19.64
N LYS A 165 -4.90 -1.41 19.40
CA LYS A 165 -5.60 -2.23 20.39
C LYS A 165 -5.20 -3.70 20.32
N GLU A 166 -4.86 -4.21 19.14
CA GLU A 166 -4.80 -5.65 18.92
C GLU A 166 -3.41 -6.17 18.62
N MET A 167 -2.44 -5.32 18.31
CA MET A 167 -1.15 -5.76 17.81
C MET A 167 -0.02 -5.13 18.60
N PRO A 168 1.10 -5.83 18.76
CA PRO A 168 2.25 -5.27 19.49
C PRO A 168 2.93 -4.19 18.66
N PRO A 169 3.71 -3.31 19.31
CA PRO A 169 4.33 -2.21 18.56
C PRO A 169 5.29 -2.65 17.48
N THR A 170 5.89 -3.83 17.63
CA THR A 170 6.88 -4.32 16.67
C THR A 170 6.27 -5.11 15.54
N ASN A 171 4.96 -5.30 15.51
CA ASN A 171 4.33 -6.05 14.44
C ASN A 171 4.60 -5.36 13.11
N PRO A 172 5.12 -6.07 12.10
CA PRO A 172 5.48 -5.38 10.85
C PRO A 172 4.31 -4.69 10.18
N ILE A 173 3.11 -5.27 10.24
CA ILE A 173 1.95 -4.64 9.62
C ILE A 173 1.62 -3.33 10.33
N ARG A 174 1.64 -3.33 11.66
CA ARG A 174 1.42 -2.10 12.40
C ARG A 174 2.51 -1.08 12.07
N LEU A 175 3.76 -1.52 11.97
CA LEU A 175 4.85 -0.61 11.64
C LEU A 175 4.68 -0.04 10.24
N GLY A 176 4.41 -0.90 9.25
CA GLY A 176 4.25 -0.44 7.89
C GLY A 176 3.07 0.51 7.74
N LEU A 177 1.97 0.22 8.43
CA LEU A 177 0.83 1.13 8.43
C LEU A 177 1.24 2.52 8.89
N ALA A 178 1.98 2.59 9.99
CA ALA A 178 2.39 3.88 10.54
C ALA A 178 3.34 4.60 9.60
N LEU A 179 4.28 3.87 8.99
CA LEU A 179 5.18 4.48 8.03
C LEU A 179 4.41 5.16 6.91
N ASN A 180 3.42 4.46 6.33
CA ASN A 180 2.69 5.01 5.20
C ASN A 180 1.72 6.10 5.63
N PHE A 181 1.06 5.93 6.78
CA PHE A 181 0.19 6.99 7.29
C PHE A 181 1.00 8.25 7.57
N SER A 182 2.24 8.08 8.04
CA SER A 182 3.11 9.23 8.24
C SER A 182 3.43 9.91 6.92
N VAL A 183 3.75 9.13 5.88
CA VAL A 183 4.00 9.69 4.57
C VAL A 183 2.76 10.43 4.06
N PHE A 184 1.58 9.85 4.30
CA PHE A 184 0.34 10.52 3.95
C PHE A 184 0.26 11.90 4.59
N HIS A 185 0.51 11.97 5.90
CA HIS A 185 0.49 13.25 6.58
C HIS A 185 1.45 14.23 5.94
N TYR A 186 2.65 13.77 5.59
CA TYR A 186 3.71 14.68 5.17
C TYR A 186 3.42 15.29 3.81
N GLU A 187 3.14 14.48 2.80
CA GLU A 187 3.07 14.97 1.43
C GLU A 187 1.67 15.00 0.85
N ILE A 188 0.67 14.42 1.51
CA ILE A 188 -0.70 14.46 1.02
C ILE A 188 -1.54 15.44 1.83
N ALA A 189 -1.52 15.32 3.17
CA ALA A 189 -2.32 16.16 4.04
C ALA A 189 -1.62 17.44 4.44
N ASN A 190 -0.38 17.66 3.98
CA ASN A 190 0.37 18.88 4.30
C ASN A 190 0.45 19.09 5.81
N SER A 191 0.83 18.04 6.52
CA SER A 191 0.98 18.07 7.98
C SER A 191 2.33 17.47 8.34
N PRO A 192 3.43 18.16 8.05
CA PRO A 192 4.75 17.59 8.35
C PRO A 192 4.95 17.25 9.81
N GLU A 193 4.46 18.10 10.72
CA GLU A 193 4.66 17.84 12.15
C GLU A 193 3.94 16.57 12.59
N GLU A 194 2.72 16.36 12.09
CA GLU A 194 2.02 15.12 12.41
C GLU A 194 2.76 13.92 11.83
N ALA A 195 3.26 14.03 10.60
CA ALA A 195 4.06 12.95 10.03
C ALA A 195 5.29 12.66 10.89
N ILE A 196 5.98 13.70 11.36
CA ILE A 196 7.19 13.51 12.14
C ILE A 196 6.85 12.90 13.50
N SER A 197 5.83 13.42 14.16
CA SER A 197 5.44 12.88 15.46
C SER A 197 5.07 11.41 15.36
N LEU A 198 4.25 11.05 14.37
CA LEU A 198 3.82 9.66 14.22
C LEU A 198 5.02 8.75 13.97
N ALA A 199 5.94 9.16 13.09
CA ALA A 199 7.10 8.32 12.81
C ALA A 199 7.97 8.14 14.04
N LYS A 200 8.17 9.21 14.82
CA LYS A 200 9.05 9.12 15.98
C LYS A 200 8.43 8.26 17.07
N THR A 201 7.16 8.53 17.41
N THR A 201 7.17 8.54 17.42
CA THR A 201 6.52 7.73 18.46
CA THR A 201 6.48 7.75 18.43
C THR A 201 6.46 6.26 18.06
C THR A 201 6.48 6.27 18.06
N THR A 202 6.20 5.97 16.79
CA THR A 202 6.18 4.58 16.33
C THR A 202 7.55 3.94 16.51
N PHE A 203 8.60 4.60 16.02
CA PHE A 203 9.94 4.06 16.15
C PHE A 203 10.31 3.85 17.61
N ASP A 204 10.05 4.85 18.46
CA ASP A 204 10.47 4.77 19.85
C ASP A 204 9.76 3.63 20.58
N GLU A 205 8.46 3.49 20.38
N GLU A 205 8.45 3.50 20.38
CA GLU A 205 7.71 2.46 21.08
CA GLU A 205 7.70 2.46 21.07
C GLU A 205 8.07 1.07 20.59
C GLU A 205 8.10 1.07 20.61
N ALA A 206 8.50 0.94 19.34
CA ALA A 206 8.97 -0.35 18.85
C ALA A 206 10.36 -0.67 19.40
N MET A 207 11.20 0.33 19.60
N MET A 207 11.20 0.33 19.59
CA MET A 207 12.53 0.09 20.14
CA MET A 207 12.54 0.10 20.15
C MET A 207 12.46 -0.49 21.55
C MET A 207 12.45 -0.50 21.55
N ALA A 208 11.48 -0.06 22.33
CA ALA A 208 11.30 -0.54 23.70
C ALA A 208 10.53 -1.86 23.76
N ASP A 209 10.25 -2.49 22.62
CA ASP A 209 9.49 -3.73 22.58
C ASP A 209 10.22 -4.83 21.81
N LEU A 210 11.55 -4.71 21.69
CA LEU A 210 12.31 -5.70 20.95
C LEU A 210 12.36 -7.06 21.65
N HIS A 211 12.16 -7.09 22.97
CA HIS A 211 12.16 -8.36 23.69
C HIS A 211 11.09 -9.31 23.17
N THR A 212 10.07 -8.80 22.49
CA THR A 212 8.99 -9.60 21.93
C THR A 212 9.08 -9.71 20.42
N LEU A 213 10.26 -9.47 19.84
CA LEU A 213 10.44 -9.58 18.40
C LEU A 213 10.60 -11.05 18.06
N SER A 214 9.65 -11.59 17.31
CA SER A 214 9.48 -13.03 17.16
C SER A 214 10.17 -13.52 15.89
N GLU A 215 11.22 -14.32 16.08
CA GLU A 215 12.06 -14.90 15.03
C GLU A 215 11.64 -14.62 13.58
N ASP A 216 10.43 -15.03 13.17
CA ASP A 216 10.02 -14.93 11.78
C ASP A 216 9.42 -13.56 11.44
N SER A 217 9.58 -12.58 12.33
CA SER A 217 9.15 -11.22 12.06
C SER A 217 10.25 -10.22 12.34
N TYR A 218 11.45 -10.67 12.73
CA TYR A 218 12.52 -9.76 13.10
C TYR A 218 13.00 -8.96 11.90
N LYS A 219 13.25 -9.64 10.77
CA LYS A 219 13.80 -8.95 9.61
C LYS A 219 12.82 -7.93 9.05
N ASP A 220 11.53 -8.28 8.99
CA ASP A 220 10.54 -7.34 8.48
C ASP A 220 10.44 -6.11 9.38
N SER A 221 10.41 -6.31 10.70
CA SER A 221 10.21 -5.21 11.62
C SER A 221 11.41 -4.26 11.63
N THR A 222 12.62 -4.82 11.72
CA THR A 222 13.81 -3.98 11.74
C THR A 222 13.98 -3.23 10.43
N LEU A 223 13.61 -3.85 9.31
CA LEU A 223 13.65 -3.16 8.02
C LEU A 223 12.74 -1.94 8.06
N ILE A 224 11.50 -2.11 8.50
CA ILE A 224 10.56 -1.00 8.50
C ILE A 224 10.97 0.06 9.52
N MET A 225 11.53 -0.37 10.66
CA MET A 225 12.05 0.60 11.62
C MET A 225 13.12 1.48 10.97
N GLN A 226 13.96 0.88 10.13
CA GLN A 226 14.98 1.68 9.44
C GLN A 226 14.34 2.62 8.42
N LEU A 227 13.25 2.20 7.77
CA LEU A 227 12.53 3.10 6.87
C LEU A 227 11.93 4.26 7.64
N LEU A 228 11.42 4.01 8.85
CA LEU A 228 10.94 5.10 9.69
C LEU A 228 12.06 6.06 10.02
N ARG A 229 13.24 5.55 10.38
CA ARG A 229 14.37 6.42 10.67
C ARG A 229 14.88 7.11 9.42
N ASP A 230 14.79 6.45 8.27
CA ASP A 230 15.14 7.10 7.00
C ASP A 230 14.31 8.35 6.78
N ASN A 231 13.00 8.26 7.00
CA ASN A 231 12.13 9.40 6.75
C ASN A 231 12.37 10.51 7.77
N LEU A 232 12.55 10.15 9.04
CA LEU A 232 12.86 11.15 10.05
C LEU A 232 14.15 11.89 9.73
N THR A 233 15.17 11.17 9.26
CA THR A 233 16.41 11.81 8.88
C THR A 233 16.21 12.74 7.69
N LEU A 234 15.35 12.35 6.76
CA LEU A 234 15.07 13.20 5.60
C LEU A 234 14.27 14.44 6.01
N TRP A 235 13.33 14.29 6.94
CA TRP A 235 12.40 15.36 7.27
C TRP A 235 12.88 16.27 8.40
N THR A 236 13.96 15.91 9.09
CA THR A 236 14.44 16.71 10.21
C THR A 236 15.92 17.05 10.05
N ARG B 3 14.33 9.89 -1.92
CA ARG B 3 12.87 9.83 -1.88
C ARG B 3 12.42 9.12 -0.60
N ARG B 4 11.39 9.67 0.04
CA ARG B 4 10.93 9.13 1.30
C ARG B 4 10.45 7.69 1.11
N LYS B 5 10.43 6.96 2.22
CA LYS B 5 10.14 5.53 2.18
C LYS B 5 8.70 5.19 2.52
N SEP B 6 8.16 4.21 1.80
CA SEP B 6 6.89 3.58 2.13
CB SEP B 6 5.79 4.08 1.19
OG SEP B 6 6.12 3.79 -0.15
C SEP B 6 7.09 2.08 2.00
O SEP B 6 8.13 1.61 1.52
P SEP B 6 4.90 4.06 -1.18
O1P SEP B 6 5.35 3.46 -2.60
O2P SEP B 6 3.56 3.32 -0.68
O3P SEP B 6 4.62 5.63 -1.30
HA SEP B 6 6.59 3.83 3.03
HB2 SEP B 6 5.68 5.03 1.30
HB3 SEP B 6 4.96 3.63 1.42
N VAL B 7 6.09 1.29 2.42
CA VAL B 7 6.21 -0.16 2.36
C VAL B 7 4.85 -0.79 2.08
C01 EZ5 C . -0.55 -4.00 3.25
C03 EZ5 C . 1.61 -4.83 3.54
C04 EZ5 C . 3.00 -4.39 4.00
C05 EZ5 C . 2.96 -4.06 5.49
C06 EZ5 C . 4.34 -4.42 5.99
C07 EZ5 C . 4.72 -5.70 5.23
C08 EZ5 C . 4.57 -7.06 5.96
C09 EZ5 C . 3.22 -7.67 5.66
C10 EZ5 C . 5.70 -8.09 5.85
C12 EZ5 C . 5.89 -8.73 4.42
C14 EZ5 C . 6.54 -11.04 4.22
C16 EZ5 C . 7.54 -10.82 2.01
C17 EZ5 C . 6.98 -11.14 0.57
C19 EZ5 C . 6.42 -13.16 -0.65
C20 EZ5 C . 7.81 -13.48 -1.20
C21 EZ5 C . 5.73 -12.22 -1.65
C22 EZ5 C . 5.61 -14.41 -0.56
C23 EZ5 C . 4.30 -14.39 -0.36
C24 EZ5 C . 8.67 -11.82 2.36
C26 EZ5 C . 8.92 -11.82 3.89
C28 EZ5 C . 7.60 -12.10 4.61
C30 EZ5 C . 6.32 -7.65 3.47
C31 EZ5 C . 7.52 -7.05 3.32
C32 EZ5 C . 7.55 -6.29 2.02
C33 EZ5 C . 6.32 -6.81 1.24
C34 EZ5 C . 5.33 -7.16 2.40
C35 EZ5 C . 4.48 -8.28 1.82
C36 EZ5 C . 4.36 -6.05 2.75
C37 EZ5 C . 3.99 -5.54 3.92
C39 EZ5 C . 8.71 -7.02 4.24
C40 EZ5 C . 9.02 -5.60 4.70
C41 EZ5 C . 9.93 -7.60 3.50
C43 EZ5 C . 12.32 -7.88 4.06
C44 EZ5 C . 13.39 -8.34 5.03
N42 EZ5 C . 10.99 -8.03 4.42
O02 EZ5 C . 0.75 -3.71 3.66
O11 EZ5 C . 5.50 -9.16 6.71
O13 EZ5 C . 6.85 -9.74 4.64
O15 EZ5 C . 6.40 -10.99 2.83
O18 EZ5 C . 6.49 -12.46 0.58
O25 EZ5 C . 9.82 -11.34 1.77
O27 EZ5 C . 9.77 -12.90 4.19
O29 EZ5 C . 7.79 -12.06 5.97
O38 EZ5 C . 5.79 -5.84 0.38
O45 EZ5 C . 12.61 -7.40 2.96
H011 EZ5 C . -1.07 -3.20 3.06
H013 EZ5 C . -1.04 -4.50 3.92
H012 EZ5 C . -0.56 -4.55 2.43
H031 EZ5 C . 1.30 -5.56 4.08
H032 EZ5 C . 1.65 -5.13 2.62
H041 EZ5 C . 3.31 -3.62 3.50
H051 EZ5 C . 2.73 -3.13 5.65
H052 EZ5 C . 2.26 -4.55 5.94
H062 EZ5 C . 4.93 -3.67 5.83
H061 EZ5 C . 4.32 -4.51 6.95
H071 EZ5 C . 5.67 -5.67 5.05
H081 EZ5 C . 4.53 -6.85 6.91
H091 EZ5 C . 3.20 -7.99 4.75
H092 EZ5 C . 2.52 -7.01 5.79
H093 EZ5 C . 3.07 -8.42 6.27
H101 EZ5 C . 6.52 -7.64 6.11
H121 EZ5 C . 5.05 -9.09 4.09
H141 EZ5 C . 5.65 -11.30 4.51
H161 EZ5 C . 7.87 -9.92 2.07
H171 EZ5 C . 6.28 -10.50 0.34
H172 EZ5 C . 7.69 -11.03 -0.09
H202 EZ5 C . 8.40 -13.81 -0.50
H201 EZ5 C . 8.25 -12.70 -1.58
H203 EZ5 C . 7.79 -14.16 -1.89
H212 EZ5 C . 5.35 -12.72 -2.40
H213 EZ5 C . 6.34 -11.56 -2.00
H211 EZ5 C . 4.99 -11.74 -1.23
H221 EZ5 C . 6.06 -15.22 -0.65
H231 EZ5 C . 3.78 -13.62 -0.26
H232 EZ5 C . 3.77 -15.16 -0.30
H241 EZ5 C . 8.41 -12.72 2.08
H261 EZ5 C . 9.29 -10.97 4.17
H281 EZ5 C . 7.26 -12.98 4.35
H322 EZ5 C . 8.39 -6.44 1.57
H321 EZ5 C . 7.53 -5.33 2.19
H331 EZ5 C . 6.58 -7.58 0.72
H353 EZ5 C . 5.01 -9.11 1.79
H352 EZ5 C . 4.22 -8.06 0.91
H351 EZ5 C . 3.69 -8.43 2.35
H361 EZ5 C . 3.97 -5.66 2.00
H391 EZ5 C . 8.51 -7.58 5.00
H401 EZ5 C . 9.30 -5.03 3.97
H403 EZ5 C . 9.74 -5.58 5.35
H402 EZ5 C . 8.26 -5.17 5.11
H411 EZ5 C . 9.68 -8.34 2.94
H412 EZ5 C . 10.30 -6.95 2.89
H441 EZ5 C . 13.15 -9.12 5.57
H443 EZ5 C . 13.66 -7.69 5.70
H442 EZ5 C . 14.24 -8.61 4.63
H421 EZ5 C . 10.78 -8.38 5.18
H111 EZ5 C . 5.73 -8.91 7.48
H251 EZ5 C . 9.97 -10.58 2.11
H271 EZ5 C . 10.50 -12.77 3.78
H291 EZ5 C . 7.44 -11.34 6.26
H381 EZ5 C . 6.41 -5.63 -0.16
CL CL D . -1.39 -19.83 -17.30
NA NA E . 7.23 22.56 14.87
NA NA F . 18.40 15.69 7.94
#